data_8XTS
#
_entry.id   8XTS
#
loop_
_entity.id
_entity.type
_entity.pdbx_description
1 polymer 'RNA (814-MER)'
2 non-polymer 'POTASSIUM ION'
3 non-polymer 'MAGNESIUM ION'
#
_entity_poly.entity_id   1
_entity_poly.type   'polyribonucleotide'
_entity_poly.pdbx_seq_one_letter_code
;CCGGGGCGCCACCCCGGAAGUGAUGCGAGUCGCCAACUCGCAUCACAAGCAAACGCUGUAGCCGCGUGCCUCUAAUAGGG
CUGGCGCGGUUGCGAAGGGCGCUGGUGAGUGCAACUCUCACCUUCGACCCAAUCCAUCUUGCGGCUCAACCCCGCAAGAU
CAUCGCCAGACCGCUGGCGGCGUACUGAGUGACAAACGAGGCAAAACCAAAUUGAAGUUGGGCGACCGUGAAACGGCGCU
GGGCAGGAAAUGGCCCAGUGACCUGGUCAAUGGUGAAAGUCGGUGAAAGACCGACCGGUGGGGCGUAUCGAAAGAGCGCA
ACACCUGCCGCACAGGAUGGCUUCUGAGGUACCGGUGACGGUACAGAACGCGGAGGGGAAACCUGGAAGCGAGGGCACCU
CGGGAAACCGGGGGUCGAUGCAUAGCUCAAACCUGUAACGGCACCAGUGGAGGGUGCUGUGCGGAGCAACGUGGAGCCAC
AGGCAUGAAGCCGUGGUUCGUAGUCGAUGAGACAAGCGGUGAGUAAGGGAAGGGCUGCGAACAUCGCCUCCCCGAAAUCC
AAGGAAAGCCGAAAGGCUAGCCGCUUUGUUGAGACAGUGGCGCCACGUUGCGCAUUAGCCGUGACCUAAACGGGGAACCU
CUUGGCCGUACCGACUCGGGUGGCACCGGUCGGGCUCGAUGGCUCAAGAGGGGGAGAUGUGAUGAUUAGGGUUUGACCCG
UGAUGCGAUACGACCGAAGCAUCCGGGGAGCUGUCUGACGAAGAGUCGGCAGCAGUGGGUUUGGCGACCCGCUCCGAAAG
UCGCAAGCGUUUGC
;
_entity_poly.pdbx_strand_id   A
#
loop_
_chem_comp.id
_chem_comp.type
_chem_comp.name
_chem_comp.formula
A RNA linking ADENOSINE-5'-MONOPHOSPHATE 'C10 H14 N5 O7 P'
C RNA linking CYTIDINE-5'-MONOPHOSPHATE 'C9 H14 N3 O8 P'
G RNA linking GUANOSINE-5'-MONOPHOSPHATE 'C10 H14 N5 O8 P'
K non-polymer 'POTASSIUM ION' 'K 1'
MG non-polymer 'MAGNESIUM ION' 'Mg 2'
U RNA linking URIDINE-5'-MONOPHOSPHATE 'C9 H13 N2 O9 P'
#
# COMPACT_ATOMS: atom_id res chain seq x y z
K K B . -14.66 13.42 10.37
K K C . -0.19 11.75 15.53
K K D . -7.60 20.07 8.32
K K E . -4.28 5.15 5.54
K K F . 10.05 24.73 0.25
K K G . -1.73 30.22 19.62
MG MG H . -14.27 9.36 11.88
MG MG I . -13.72 8.04 7.85
MG MG J . 2.29 19.08 5.83
MG MG K . 14.51 20.69 24.69
MG MG L . 3.30 5.65 -2.70
MG MG M . -5.67 -2.94 10.00
MG MG N . -2.56 -22.51 0.51
MG MG O . -2.40 -24.54 4.01
MG MG P . 15.73 5.60 -29.01
MG MG Q . 26.42 7.56 -3.16
MG MG R . 31.10 1.47 -2.35
MG MG S . 11.60 -11.78 29.02
MG MG T . -13.30 -43.76 -29.58
MG MG U . -26.14 -39.23 -22.81
MG MG V . -24.00 -42.23 -16.30
MG MG W . 23.77 -11.58 15.44
MG MG X . 21.75 -22.96 11.52
MG MG Y . 22.85 -4.85 17.52
MG MG Z . 12.43 -3.61 37.31
MG MG AA . 11.63 -4.63 5.32
MG MG BA . 15.90 2.15 10.84
MG MG CA . 20.21 11.49 -7.44
MG MG DA . 11.41 18.03 16.08
MG MG EA . 0.94 36.35 18.61
MG MG FA . -44.45 12.54 -15.31
MG MG GA . -20.30 28.74 -15.03
MG MG HA . -1.13 -22.45 -6.89
MG MG IA . -30.72 24.15 -8.94
MG MG JA . -13.73 6.40 -11.24
MG MG KA . 16.82 6.25 -13.71
MG MG LA . 19.34 8.04 5.57
MG MG MA . 12.99 7.07 -1.23
MG MG NA . -0.29 -43.47 -9.38
MG MG OA . -25.01 -7.71 8.04
MG MG PA . 0.60 -13.57 -24.55
MG MG QA . -30.35 9.81 -25.42
MG MG RA . 6.03 -5.56 -36.95
MG MG SA . -15.14 -26.43 -17.70
#